data_5VIR
#
_entry.id   5VIR
#
_cell.length_a   63.380
_cell.length_b   116.110
_cell.length_c   55.520
_cell.angle_alpha   90.000
_cell.angle_beta   90.000
_cell.angle_gamma   90.000
#
_symmetry.space_group_name_H-M   'P 21 21 2'
#
loop_
_entity.id
_entity.type
_entity.pdbx_description
1 polymer 'Probable nicotinate-nucleotide adenylyltransferase'
2 non-polymer 1H,3H-naphtho[1,8-cd]pyran-1-one
3 non-polymer 'NADP NICOTINAMIDE-ADENINE-DINUCLEOTIDE PHOSPHATE'
4 water water
#
_entity_poly.entity_id   1
_entity_poly.type   'polypeptide(L)'
_entity_poly.pdbx_seq_one_letter_code
;MAHHHHHHMGTLEAQTQGPGSMVQSERRRLGVMGGTFDPIHNGHLVAASEVADRFALDEVIFVPTGQPWQKQGRKVSPAE
HRYLMTVIATASNPRFTVSRADIDRGGATYTVDTLTDLRTAHPDADLYFITGADALASILSWENWEQLFTLAKFIGVSRP
GYELSSDHIAHAELPPDGLSLVEVPALAISSTDCRIRAGQARPIWYLVPDGVVQYVAKHRLYSGNKGNQGGLA
;
_entity_poly.pdbx_strand_id   A,B
#
loop_
_chem_comp.id
_chem_comp.type
_chem_comp.name
_chem_comp.formula
9CG non-polymer 1H,3H-naphtho[1,8-cd]pyran-1-one 'C12 H8 O2'
NAP non-polymer 'NADP NICOTINAMIDE-ADENINE-DINUCLEOTIDE PHOSPHATE' 'C21 H28 N7 O17 P3'
#
# COMPACT_ATOMS: atom_id res chain seq x y z
N ARG A 27 23.78 24.36 -3.67
CA ARG A 27 23.31 23.71 -4.89
C ARG A 27 22.21 22.70 -4.57
N ARG A 28 21.03 22.91 -5.14
CA ARG A 28 19.89 22.06 -4.83
C ARG A 28 20.05 20.67 -5.43
N ARG A 29 19.45 19.70 -4.76
CA ARG A 29 19.36 18.33 -5.26
C ARG A 29 17.90 18.09 -5.62
N LEU A 30 17.64 17.88 -6.91
CA LEU A 30 16.28 17.78 -7.42
C LEU A 30 16.02 16.38 -7.94
N GLY A 31 15.02 15.72 -7.36
CA GLY A 31 14.55 14.47 -7.93
C GLY A 31 13.63 14.72 -9.11
N VAL A 32 13.73 13.86 -10.12
CA VAL A 32 12.86 13.89 -11.29
C VAL A 32 12.22 12.52 -11.39
N MET A 33 10.96 12.43 -11.02
CA MET A 33 10.22 11.17 -10.97
C MET A 33 9.44 11.03 -12.27
N GLY A 34 9.98 10.27 -13.20
CA GLY A 34 9.38 10.13 -14.52
C GLY A 34 8.60 8.84 -14.63
N GLY A 35 7.39 8.94 -15.15
CA GLY A 35 6.55 7.77 -15.33
C GLY A 35 5.29 8.13 -16.06
N THR A 36 4.67 7.10 -16.65
CA THR A 36 3.39 7.32 -17.32
C THR A 36 2.27 7.59 -16.31
N PHE A 37 2.33 6.97 -15.12
CA PHE A 37 1.41 7.28 -14.01
C PHE A 37 -0.06 7.12 -14.43
N ASP A 38 -0.42 5.89 -14.84
CA ASP A 38 -1.76 5.62 -15.37
C ASP A 38 -2.35 4.39 -14.68
N PRO A 39 -2.73 4.52 -13.39
CA PRO A 39 -2.66 5.71 -12.56
C PRO A 39 -1.41 5.78 -11.68
N ILE A 40 -1.12 6.99 -11.20
CA ILE A 40 -0.24 7.15 -10.04
C ILE A 40 -0.81 6.35 -8.89
N HIS A 41 0.07 5.76 -8.08
CA HIS A 41 -0.41 4.96 -6.95
C HIS A 41 0.53 5.12 -5.76
N ASN A 42 0.11 4.52 -4.63
CA ASN A 42 0.85 4.72 -3.39
C ASN A 42 2.26 4.15 -3.47
N GLY A 43 2.48 3.13 -4.30
CA GLY A 43 3.83 2.63 -4.51
C GLY A 43 4.75 3.70 -5.07
N HIS A 44 4.28 4.46 -6.08
CA HIS A 44 5.09 5.55 -6.62
C HIS A 44 5.44 6.55 -5.53
N LEU A 45 4.47 6.87 -4.68
CA LEU A 45 4.67 7.92 -3.69
C LEU A 45 5.62 7.44 -2.61
N VAL A 46 5.46 6.19 -2.14
CA VAL A 46 6.42 5.59 -1.22
C VAL A 46 7.83 5.67 -1.81
N ALA A 47 7.95 5.31 -3.08
CA ALA A 47 9.29 5.23 -3.67
C ALA A 47 9.95 6.60 -3.75
N ALA A 48 9.19 7.61 -4.20
CA ALA A 48 9.75 8.95 -4.27
C ALA A 48 10.11 9.46 -2.88
N SER A 49 9.26 9.16 -1.91
CA SER A 49 9.55 9.58 -0.54
C SER A 49 10.83 8.93 -0.01
N GLU A 50 11.01 7.62 -0.26
CA GLU A 50 12.21 6.95 0.21
C GLU A 50 13.47 7.49 -0.48
N VAL A 51 13.40 7.70 -1.80
CA VAL A 51 14.59 8.17 -2.53
C VAL A 51 14.95 9.58 -2.08
N ALA A 52 13.95 10.44 -1.87
CA ALA A 52 14.23 11.80 -1.42
C ALA A 52 14.92 11.79 -0.07
N ASP A 53 14.48 10.92 0.83
CA ASP A 53 15.12 10.83 2.13
C ASP A 53 16.52 10.24 2.02
N ARG A 54 16.67 9.16 1.24
CA ARG A 54 17.95 8.47 1.15
C ARG A 54 19.03 9.33 0.47
N PHE A 55 18.65 10.11 -0.53
CA PHE A 55 19.60 10.93 -1.28
C PHE A 55 19.55 12.40 -0.88
N ALA A 56 18.83 12.73 0.20
CA ALA A 56 18.74 14.10 0.72
C ALA A 56 18.34 15.09 -0.39
N LEU A 57 17.27 14.75 -1.10
CA LEU A 57 16.75 15.61 -2.16
C LEU A 57 15.90 16.73 -1.56
N ASP A 58 16.04 17.93 -2.10
CA ASP A 58 15.27 19.07 -1.59
C ASP A 58 13.83 19.04 -2.09
N GLU A 59 13.60 18.41 -3.25
CA GLU A 59 12.30 18.41 -3.91
C GLU A 59 12.31 17.27 -4.89
N VAL A 60 11.12 16.71 -5.16
CA VAL A 60 10.95 15.72 -6.22
C VAL A 60 9.91 16.27 -7.18
N ILE A 61 10.30 16.42 -8.45
CA ILE A 61 9.41 16.89 -9.51
C ILE A 61 8.90 15.68 -10.26
N PHE A 62 7.58 15.43 -10.18
CA PHE A 62 6.97 14.35 -10.92
C PHE A 62 6.73 14.81 -12.36
N VAL A 63 7.11 13.99 -13.33
CA VAL A 63 6.95 14.32 -14.75
C VAL A 63 6.17 13.22 -15.46
N PRO A 64 4.85 13.35 -15.59
CA PRO A 64 4.08 12.40 -16.40
C PRO A 64 4.57 12.38 -17.84
N THR A 65 4.78 11.17 -18.37
CA THR A 65 5.27 10.99 -19.72
CA THR A 65 5.27 11.01 -19.73
C THR A 65 4.24 11.43 -20.76
N GLY A 66 4.73 11.95 -21.88
CA GLY A 66 3.86 12.13 -23.02
C GLY A 66 3.55 10.77 -23.62
N GLN A 67 2.29 10.56 -23.99
CA GLN A 67 1.92 9.28 -24.56
C GLN A 67 0.86 9.46 -25.64
N PRO A 68 0.91 8.63 -26.69
CA PRO A 68 -0.16 8.64 -27.69
C PRO A 68 -1.42 7.97 -27.14
N TRP A 69 -2.37 7.65 -28.02
CA TRP A 69 -3.60 7.04 -27.54
C TRP A 69 -3.39 5.57 -27.14
N GLN A 70 -2.42 4.90 -27.76
CA GLN A 70 -2.12 3.50 -27.49
C GLN A 70 -0.67 3.33 -27.06
N LYS A 71 -0.41 2.35 -26.19
CA LYS A 71 0.96 2.02 -25.80
C LYS A 71 1.28 0.57 -26.12
N GLN A 72 1.53 -0.23 -25.08
CA GLN A 72 1.89 -1.64 -25.25
C GLN A 72 0.61 -2.48 -25.30
N GLY A 73 -0.10 -2.35 -26.42
CA GLY A 73 -1.43 -2.93 -26.53
C GLY A 73 -2.43 -2.30 -25.60
N ARG A 74 -2.16 -1.08 -25.15
CA ARG A 74 -2.88 -0.43 -24.06
C ARG A 74 -3.38 0.93 -24.53
N LYS A 75 -4.62 1.26 -24.19
CA LYS A 75 -5.16 2.59 -24.44
C LYS A 75 -4.80 3.48 -23.25
N VAL A 76 -3.79 4.33 -23.43
CA VAL A 76 -3.28 5.16 -22.35
C VAL A 76 -4.24 6.32 -22.10
N SER A 77 -4.48 6.62 -20.82
CA SER A 77 -5.39 7.71 -20.49
C SER A 77 -4.84 9.02 -21.05
N PRO A 78 -5.71 9.92 -21.50
CA PRO A 78 -5.26 11.24 -21.95
C PRO A 78 -4.33 11.90 -20.95
N ALA A 79 -3.34 12.62 -21.50
CA ALA A 79 -2.28 13.22 -20.70
C ALA A 79 -2.83 14.14 -19.61
N GLU A 80 -3.90 14.89 -19.91
CA GLU A 80 -4.43 15.80 -18.90
C GLU A 80 -4.90 15.03 -17.66
N HIS A 81 -5.55 13.88 -17.88
CA HIS A 81 -6.00 13.08 -16.74
C HIS A 81 -4.82 12.54 -15.93
N ARG A 82 -3.78 12.04 -16.60
CA ARG A 82 -2.63 11.54 -15.84
C ARG A 82 -1.93 12.67 -15.10
N TYR A 83 -1.85 13.84 -15.71
CA TYR A 83 -1.29 15.00 -15.05
C TYR A 83 -2.10 15.38 -13.80
N LEU A 84 -3.42 15.52 -13.95
CA LEU A 84 -4.26 15.89 -12.81
C LEU A 84 -4.18 14.86 -11.69
N MET A 85 -4.21 13.56 -12.03
CA MET A 85 -4.11 12.55 -10.98
C MET A 85 -2.80 12.70 -10.22
N THR A 86 -1.71 12.97 -10.93
CA THR A 86 -0.43 13.15 -10.27
C THR A 86 -0.43 14.40 -9.38
N VAL A 87 -1.08 15.48 -9.81
CA VAL A 87 -1.21 16.67 -8.96
C VAL A 87 -2.01 16.32 -7.71
N ILE A 88 -3.16 15.65 -7.89
CA ILE A 88 -3.99 15.29 -6.74
C ILE A 88 -3.19 14.43 -5.76
N ALA A 89 -2.38 13.51 -6.28
CA ALA A 89 -1.67 12.57 -5.43
C ALA A 89 -0.54 13.22 -4.64
N THR A 90 0.07 14.28 -5.21
CA THR A 90 1.25 14.91 -4.64
C THR A 90 0.96 16.21 -3.91
N ALA A 91 -0.28 16.73 -3.97
CA ALA A 91 -0.58 18.06 -3.46
C ALA A 91 -0.17 18.23 -2.00
N SER A 92 -0.45 17.22 -1.17
CA SER A 92 -0.22 17.35 0.27
C SER A 92 1.25 17.29 0.67
N ASN A 93 2.15 16.86 -0.21
CA ASN A 93 3.56 16.78 0.15
C ASN A 93 4.24 18.12 -0.13
N PRO A 94 4.77 18.81 0.89
CA PRO A 94 5.45 20.09 0.65
C PRO A 94 6.62 20.00 -0.29
N ARG A 95 7.22 18.82 -0.47
CA ARG A 95 8.43 18.67 -1.25
C ARG A 95 8.22 17.94 -2.56
N PHE A 96 6.97 17.70 -2.97
CA PHE A 96 6.66 17.15 -4.29
C PHE A 96 6.00 18.23 -5.13
N THR A 97 6.37 18.30 -6.42
CA THR A 97 5.63 19.11 -7.39
C THR A 97 5.46 18.29 -8.68
N VAL A 98 4.72 18.86 -9.64
CA VAL A 98 4.42 18.19 -10.90
C VAL A 98 4.76 19.10 -12.06
N SER A 99 5.39 18.55 -13.09
CA SER A 99 5.77 19.31 -14.29
C SER A 99 5.03 18.78 -15.52
N ARG A 100 4.58 19.72 -16.37
CA ARG A 100 3.97 19.42 -17.67
C ARG A 100 5.00 19.28 -18.79
N ALA A 101 6.29 19.19 -18.49
CA ALA A 101 7.31 19.35 -19.54
C ALA A 101 7.17 18.29 -20.62
N ASP A 102 6.93 17.02 -20.25
CA ASP A 102 6.83 15.97 -21.26
C ASP A 102 5.50 16.04 -22.02
N ILE A 103 4.40 16.32 -21.31
CA ILE A 103 3.10 16.29 -22.00
C ILE A 103 2.92 17.50 -22.91
N ASP A 104 3.61 18.60 -22.64
CA ASP A 104 3.45 19.79 -23.48
C ASP A 104 4.49 19.89 -24.58
N ARG A 105 5.53 19.05 -24.57
CA ARG A 105 6.52 19.09 -25.64
C ARG A 105 5.91 18.72 -26.99
N GLY A 106 4.93 17.81 -26.98
CA GLY A 106 4.36 17.30 -28.21
C GLY A 106 5.13 16.11 -28.75
N GLY A 107 4.43 15.02 -28.98
CA GLY A 107 5.06 13.83 -29.53
C GLY A 107 5.71 12.99 -28.44
N ALA A 108 6.54 12.06 -28.89
CA ALA A 108 7.12 11.06 -28.02
C ALA A 108 8.07 11.68 -27.00
N THR A 109 8.07 11.11 -25.81
CA THR A 109 8.99 11.52 -24.76
C THR A 109 10.31 10.77 -24.87
N TYR A 110 11.40 11.53 -24.94
CA TYR A 110 12.76 11.02 -24.79
C TYR A 110 13.34 11.66 -23.53
N THR A 111 13.88 10.85 -22.63
CA THR A 111 14.35 11.39 -21.36
C THR A 111 15.46 12.43 -21.54
N VAL A 112 16.22 12.34 -22.63
CA VAL A 112 17.21 13.40 -22.88
C VAL A 112 16.51 14.75 -23.01
N ASP A 113 15.29 14.76 -23.59
CA ASP A 113 14.53 16.00 -23.70
C ASP A 113 13.96 16.41 -22.34
N THR A 114 13.47 15.45 -21.57
CA THR A 114 13.00 15.73 -20.21
C THR A 114 14.08 16.44 -19.41
N LEU A 115 15.28 15.86 -19.39
CA LEU A 115 16.36 16.42 -18.56
C LEU A 115 16.90 17.72 -19.13
N THR A 116 16.95 17.86 -20.46
CA THR A 116 17.35 19.14 -21.03
C THR A 116 16.39 20.24 -20.62
N ASP A 117 15.08 19.96 -20.68
CA ASP A 117 14.08 20.94 -20.27
C ASP A 117 14.25 21.33 -18.81
N LEU A 118 14.47 20.36 -17.93
CA LEU A 118 14.59 20.65 -16.51
C LEU A 118 15.92 21.30 -16.16
N ARG A 119 16.99 20.98 -16.88
CA ARG A 119 18.25 21.69 -16.70
C ARG A 119 18.08 23.18 -17.03
N THR A 120 17.27 23.48 -18.05
CA THR A 120 17.00 24.88 -18.40
C THR A 120 16.19 25.57 -17.31
N ALA A 121 15.21 24.87 -16.75
CA ALA A 121 14.33 25.46 -15.74
C ALA A 121 15.03 25.58 -14.39
N HIS A 122 16.00 24.72 -14.10
CA HIS A 122 16.73 24.71 -12.83
C HIS A 122 18.21 24.66 -13.15
N PRO A 123 18.80 25.78 -13.59
CA PRO A 123 20.19 25.74 -14.04
C PRO A 123 21.20 25.46 -12.95
N ASP A 124 20.84 25.61 -11.68
CA ASP A 124 21.78 25.48 -10.58
C ASP A 124 21.40 24.34 -9.64
N ALA A 125 20.90 23.25 -10.21
CA ALA A 125 20.48 22.09 -9.42
C ALA A 125 21.08 20.83 -10.00
N ASP A 126 21.49 19.91 -9.12
CA ASP A 126 21.88 18.57 -9.52
C ASP A 126 20.64 17.70 -9.66
N LEU A 127 20.48 17.06 -10.82
CA LEU A 127 19.29 16.30 -11.12
C LEU A 127 19.50 14.81 -10.83
N TYR A 128 18.49 14.18 -10.23
CA TYR A 128 18.48 12.75 -9.98
C TYR A 128 17.23 12.18 -10.63
N PHE A 129 17.40 11.44 -11.72
CA PHE A 129 16.28 10.89 -12.47
C PHE A 129 15.87 9.54 -11.86
N ILE A 130 14.59 9.43 -11.50
CA ILE A 130 14.05 8.30 -10.75
C ILE A 130 12.95 7.66 -11.59
N THR A 131 13.09 6.35 -11.87
CA THR A 131 11.98 5.63 -12.45
C THR A 131 12.14 4.15 -12.13
N GLY A 132 11.22 3.33 -12.63
CA GLY A 132 11.27 1.91 -12.35
C GLY A 132 12.52 1.26 -12.91
N ALA A 133 13.07 0.32 -12.13
CA ALA A 133 14.31 -0.34 -12.56
C ALA A 133 14.12 -1.10 -13.87
N ASP A 134 12.93 -1.66 -14.10
CA ASP A 134 12.70 -2.38 -15.36
C ASP A 134 12.71 -1.43 -16.55
N ALA A 135 12.33 -0.18 -16.35
CA ALA A 135 12.45 0.81 -17.41
C ALA A 135 13.90 1.15 -17.68
N LEU A 136 14.67 1.40 -16.61
CA LEU A 136 16.06 1.81 -16.77
C LEU A 136 16.95 0.69 -17.27
N ALA A 137 16.49 -0.57 -17.20
CA ALA A 137 17.30 -1.66 -17.72
C ALA A 137 17.65 -1.46 -19.18
N SER A 138 16.80 -0.77 -19.95
CA SER A 138 17.02 -0.58 -21.37
C SER A 138 17.62 0.79 -21.69
N ILE A 139 18.26 1.44 -20.72
CA ILE A 139 18.67 2.83 -20.92
C ILE A 139 19.70 2.96 -22.03
N LEU A 140 20.51 1.93 -22.26
CA LEU A 140 21.48 2.02 -23.35
C LEU A 140 20.81 1.99 -24.73
N SER A 141 19.51 1.69 -24.79
CA SER A 141 18.74 1.78 -26.03
C SER A 141 17.94 3.08 -26.12
N TRP A 142 17.91 3.86 -25.05
CA TRP A 142 17.26 5.17 -25.10
C TRP A 142 18.07 6.12 -25.97
N GLU A 143 17.37 7.05 -26.61
CA GLU A 143 18.06 7.98 -27.50
C GLU A 143 19.05 8.83 -26.71
N ASN A 144 20.26 8.98 -27.27
CA ASN A 144 21.26 9.90 -26.72
C ASN A 144 21.68 9.47 -25.31
N TRP A 145 21.89 8.16 -25.11
CA TRP A 145 22.24 7.69 -23.77
C TRP A 145 23.54 8.32 -23.29
N GLU A 146 24.43 8.72 -24.19
CA GLU A 146 25.66 9.39 -23.79
C GLU A 146 25.36 10.71 -23.07
N GLN A 147 24.42 11.49 -23.60
CA GLN A 147 24.07 12.75 -22.95
C GLN A 147 23.33 12.53 -21.64
N LEU A 148 22.50 11.48 -21.56
CA LEU A 148 21.75 11.21 -20.34
C LEU A 148 22.66 11.18 -19.11
N PHE A 149 23.80 10.50 -19.22
CA PHE A 149 24.67 10.34 -18.07
C PHE A 149 25.53 11.57 -17.81
N THR A 150 25.50 12.58 -18.68
CA THR A 150 26.10 13.87 -18.35
C THR A 150 25.11 14.82 -17.68
N LEU A 151 23.80 14.57 -17.82
CA LEU A 151 22.78 15.50 -17.33
C LEU A 151 22.27 15.17 -15.94
N ALA A 152 22.35 13.91 -15.52
CA ALA A 152 21.73 13.53 -14.26
C ALA A 152 22.35 12.24 -13.75
N LYS A 153 22.19 12.01 -12.45
CA LYS A 153 22.39 10.69 -11.87
C LYS A 153 21.07 9.93 -11.97
N PHE A 154 21.16 8.61 -12.12
CA PHE A 154 19.98 7.79 -12.34
C PHE A 154 19.73 6.84 -11.17
N ILE A 155 18.47 6.77 -10.75
CA ILE A 155 18.05 5.93 -9.62
C ILE A 155 16.91 5.05 -10.08
N GLY A 156 17.11 3.74 -10.08
CA GLY A 156 16.07 2.79 -10.42
C GLY A 156 15.44 2.23 -9.16
N VAL A 157 14.12 2.38 -9.05
CA VAL A 157 13.39 1.83 -7.90
C VAL A 157 12.75 0.53 -8.33
N SER A 158 12.83 -0.47 -7.45
CA SER A 158 12.40 -1.81 -7.81
C SER A 158 11.66 -2.43 -6.65
N ARG A 159 10.86 -3.45 -6.96
CA ARG A 159 10.33 -4.27 -5.90
C ARG A 159 11.37 -5.30 -5.49
N PRO A 160 11.33 -5.78 -4.24
CA PRO A 160 12.27 -6.82 -3.84
C PRO A 160 11.99 -8.13 -4.56
N GLY A 161 13.03 -8.94 -4.70
CA GLY A 161 12.95 -10.18 -5.44
C GLY A 161 13.68 -10.09 -6.77
N GLY A 178 26.87 5.89 -11.65
CA GLY A 178 26.02 5.92 -12.83
C GLY A 178 24.54 5.66 -12.52
N LEU A 179 24.24 4.42 -12.15
CA LEU A 179 22.88 4.00 -11.80
C LEU A 179 22.87 3.38 -10.42
N SER A 180 22.00 3.86 -9.54
CA SER A 180 21.77 3.31 -8.22
C SER A 180 20.42 2.62 -8.17
N LEU A 181 20.35 1.51 -7.45
CA LEU A 181 19.11 0.76 -7.28
C LEU A 181 18.61 0.90 -5.85
N VAL A 182 17.30 1.16 -5.70
CA VAL A 182 16.65 1.25 -4.41
C VAL A 182 15.47 0.28 -4.43
N GLU A 183 15.47 -0.68 -3.51
CA GLU A 183 14.36 -1.62 -3.36
C GLU A 183 13.25 -1.00 -2.53
N VAL A 184 12.02 -1.10 -3.02
CA VAL A 184 10.87 -0.48 -2.39
C VAL A 184 9.77 -1.53 -2.26
N PRO A 185 9.55 -2.11 -1.09
CA PRO A 185 8.47 -3.11 -0.94
C PRO A 185 7.13 -2.66 -1.51
N ALA A 186 6.74 -1.41 -1.28
CA ALA A 186 5.44 -0.94 -1.73
C ALA A 186 5.27 -0.95 -3.24
N LEU A 187 6.35 -1.12 -4.03
CA LEU A 187 6.18 -1.21 -5.48
C LEU A 187 5.65 -2.57 -5.92
N ALA A 188 5.32 -3.45 -4.97
CA ALA A 188 4.42 -4.55 -5.30
C ALA A 188 3.10 -4.04 -5.86
N ILE A 189 2.71 -2.81 -5.48
CA ILE A 189 1.57 -2.14 -6.10
C ILE A 189 1.99 -1.66 -7.49
N SER A 190 1.21 -2.01 -8.51
CA SER A 190 1.51 -1.63 -9.88
C SER A 190 0.33 -0.93 -10.52
N SER A 191 0.62 -0.02 -11.46
CA SER A 191 -0.47 0.65 -12.19
C SER A 191 -1.30 -0.36 -12.98
N THR A 192 -0.67 -1.43 -13.49
CA THR A 192 -1.41 -2.41 -14.28
C THR A 192 -2.49 -3.07 -13.43
N ASP A 193 -2.13 -3.47 -12.20
CA ASP A 193 -3.12 -4.10 -11.34
CA ASP A 193 -3.11 -4.09 -11.32
C ASP A 193 -4.23 -3.13 -10.95
N CYS A 194 -3.88 -1.85 -10.75
CA CYS A 194 -4.91 -0.85 -10.46
C CYS A 194 -5.90 -0.75 -11.63
N ARG A 195 -5.39 -0.73 -12.86
CA ARG A 195 -6.29 -0.63 -14.02
C ARG A 195 -7.16 -1.87 -14.14
N ILE A 196 -6.58 -3.05 -13.92
CA ILE A 196 -7.35 -4.29 -14.05
C ILE A 196 -8.49 -4.29 -13.05
N ARG A 197 -8.20 -3.94 -11.80
CA ARG A 197 -9.22 -3.91 -10.76
C ARG A 197 -10.30 -2.90 -11.07
N ALA A 198 -9.90 -1.68 -11.47
CA ALA A 198 -10.89 -0.67 -11.79
C ALA A 198 -11.78 -1.10 -12.95
N GLY A 199 -11.19 -1.74 -13.97
CA GLY A 199 -11.98 -2.23 -15.07
C GLY A 199 -12.94 -3.34 -14.67
N GLN A 200 -12.63 -4.06 -13.60
CA GLN A 200 -13.47 -5.13 -13.11
C GLN A 200 -14.43 -4.68 -12.03
N ALA A 201 -14.55 -3.37 -11.81
CA ALA A 201 -15.37 -2.80 -10.74
C ALA A 201 -14.96 -3.35 -9.37
N ARG A 202 -13.67 -3.65 -9.20
CA ARG A 202 -13.15 -4.05 -7.90
C ARG A 202 -12.43 -2.87 -7.24
N PRO A 203 -12.37 -2.82 -5.91
CA PRO A 203 -11.87 -1.61 -5.24
C PRO A 203 -10.39 -1.38 -5.44
N ILE A 204 -10.02 -0.10 -5.60
CA ILE A 204 -8.62 0.34 -5.57
C ILE A 204 -8.35 1.33 -4.43
N TRP A 205 -9.29 1.46 -3.48
CA TRP A 205 -8.98 2.18 -2.25
C TRP A 205 -7.69 1.66 -1.64
N TYR A 206 -6.89 2.59 -1.09
CA TYR A 206 -5.67 2.28 -0.33
C TYR A 206 -4.50 1.87 -1.23
N LEU A 207 -4.79 1.34 -2.42
CA LEU A 207 -3.72 1.15 -3.41
C LEU A 207 -3.31 2.48 -4.02
N VAL A 208 -4.27 3.37 -4.15
CA VAL A 208 -4.22 4.62 -4.90
C VAL A 208 -4.68 5.70 -3.93
N PRO A 209 -4.10 6.90 -3.96
CA PRO A 209 -4.46 7.92 -2.98
C PRO A 209 -5.94 8.26 -3.03
N ASP A 210 -6.48 8.63 -1.87
CA ASP A 210 -7.81 9.19 -1.86
CA ASP A 210 -7.81 9.21 -1.82
C ASP A 210 -7.86 10.38 -2.80
N GLY A 211 -8.97 10.53 -3.48
CA GLY A 211 -9.05 11.63 -4.41
C GLY A 211 -8.72 11.13 -5.80
N VAL A 212 -7.58 10.44 -5.94
CA VAL A 212 -7.30 9.77 -7.21
C VAL A 212 -8.32 8.66 -7.46
N VAL A 213 -8.67 7.90 -6.42
CA VAL A 213 -9.68 6.85 -6.58
C VAL A 213 -10.96 7.42 -7.15
N GLN A 214 -11.47 8.50 -6.54
CA GLN A 214 -12.72 9.08 -6.99
CA GLN A 214 -12.72 9.08 -6.99
C GLN A 214 -12.57 9.73 -8.36
N TYR A 215 -11.40 10.27 -8.66
CA TYR A 215 -11.18 10.88 -9.97
C TYR A 215 -11.25 9.82 -11.06
N VAL A 216 -10.59 8.68 -10.82
CA VAL A 216 -10.63 7.54 -11.74
C VAL A 216 -12.07 7.12 -12.00
N ALA A 217 -12.86 6.99 -10.93
CA ALA A 217 -14.22 6.48 -11.07
C ALA A 217 -15.12 7.45 -11.83
N LYS A 218 -15.09 8.74 -11.46
CA LYS A 218 -16.07 9.66 -12.03
C LYS A 218 -15.72 10.06 -13.45
N HIS A 219 -14.47 9.87 -13.86
CA HIS A 219 -14.09 10.06 -15.26
C HIS A 219 -14.05 8.74 -16.03
N ARG A 220 -14.37 7.62 -15.38
CA ARG A 220 -14.47 6.30 -16.00
C ARG A 220 -13.22 5.95 -16.79
N LEU A 221 -12.05 6.18 -16.18
CA LEU A 221 -10.80 6.03 -16.92
C LEU A 221 -10.52 4.60 -17.37
N TYR A 222 -10.92 3.59 -16.60
CA TYR A 222 -10.56 2.23 -16.95
C TYR A 222 -11.75 1.28 -17.05
N SER A 223 -12.97 1.77 -16.86
CA SER A 223 -14.16 0.90 -16.88
C SER A 223 -15.07 1.22 -18.06
N ARG B 27 -28.88 -13.16 6.13
CA ARG B 27 -27.70 -13.23 6.98
C ARG B 27 -26.58 -12.32 6.47
N ARG B 28 -26.18 -11.36 7.28
CA ARG B 28 -25.02 -10.55 6.93
C ARG B 28 -23.77 -11.41 6.90
N ARG B 29 -22.82 -11.01 6.07
CA ARG B 29 -21.50 -11.63 6.02
C ARG B 29 -20.51 -10.63 6.58
N LEU B 30 -19.88 -10.96 7.71
CA LEU B 30 -19.02 -10.03 8.41
C LEU B 30 -17.59 -10.53 8.40
N GLY B 31 -16.68 -9.69 7.90
CA GLY B 31 -15.27 -9.94 8.08
C GLY B 31 -14.84 -9.50 9.48
N VAL B 32 -13.90 -10.24 10.05
CA VAL B 32 -13.35 -9.94 11.37
C VAL B 32 -11.84 -9.86 11.18
N MET B 33 -11.33 -8.65 11.14
CA MET B 33 -9.93 -8.39 10.78
C MET B 33 -9.13 -8.29 12.07
N GLY B 34 -8.47 -9.38 12.45
CA GLY B 34 -7.76 -9.45 13.72
C GLY B 34 -6.28 -9.19 13.54
N GLY B 35 -5.74 -8.27 14.33
CA GLY B 35 -4.33 -7.96 14.26
C GLY B 35 -3.92 -7.06 15.40
N THR B 36 -2.61 -7.01 15.63
CA THR B 36 -2.09 -6.09 16.64
C THR B 36 -2.05 -4.65 16.12
N PHE B 37 -1.80 -4.46 14.82
CA PHE B 37 -1.90 -3.14 14.17
C PHE B 37 -1.04 -2.09 14.88
N ASP B 38 0.27 -2.34 14.90
CA ASP B 38 1.24 -1.49 15.60
C ASP B 38 2.36 -1.08 14.65
N PRO B 39 2.07 -0.21 13.64
CA PRO B 39 0.77 0.40 13.35
C PRO B 39 -0.05 -0.32 12.28
N ILE B 40 -1.34 0.00 12.24
CA ILE B 40 -2.14 -0.24 11.05
C ILE B 40 -1.47 0.44 9.87
N HIS B 41 -1.50 -0.21 8.71
CA HIS B 41 -0.88 0.38 7.52
C HIS B 41 -1.73 0.09 6.30
N ASN B 42 -1.32 0.66 5.15
CA ASN B 42 -2.15 0.56 3.95
C ASN B 42 -2.24 -0.86 3.43
N GLY B 43 -1.25 -1.71 3.76
CA GLY B 43 -1.37 -3.12 3.40
C GLY B 43 -2.53 -3.81 4.10
N HIS B 44 -2.70 -3.56 5.40
CA HIS B 44 -3.88 -4.09 6.09
C HIS B 44 -5.17 -3.63 5.42
N LEU B 45 -5.23 -2.34 5.06
CA LEU B 45 -6.48 -1.81 4.52
C LEU B 45 -6.75 -2.37 3.12
N VAL B 46 -5.71 -2.49 2.29
CA VAL B 46 -5.89 -3.13 0.99
C VAL B 46 -6.42 -4.57 1.19
N ALA B 47 -5.80 -5.31 2.12
CA ALA B 47 -6.17 -6.71 2.30
C ALA B 47 -7.63 -6.84 2.72
N ALA B 48 -8.06 -6.05 3.70
CA ALA B 48 -9.46 -6.08 4.11
C ALA B 48 -10.38 -5.72 2.96
N SER B 49 -10.01 -4.71 2.16
CA SER B 49 -10.86 -4.29 1.05
CA SER B 49 -10.86 -4.29 1.05
C SER B 49 -10.96 -5.40 -0.01
N GLU B 50 -9.81 -6.00 -0.36
CA GLU B 50 -9.82 -7.07 -1.35
C GLU B 50 -10.62 -8.28 -0.89
N VAL B 51 -10.44 -8.67 0.37
CA VAL B 51 -11.16 -9.82 0.91
C VAL B 51 -12.66 -9.52 0.97
N ALA B 52 -13.03 -8.32 1.42
CA ALA B 52 -14.44 -7.96 1.45
C ALA B 52 -15.07 -8.08 0.07
N ASP B 53 -14.36 -7.62 -0.96
CA ASP B 53 -14.91 -7.71 -2.31
C ASP B 53 -14.95 -9.15 -2.79
N ARG B 54 -13.88 -9.92 -2.56
CA ARG B 54 -13.80 -11.27 -3.07
C ARG B 54 -14.82 -12.20 -2.40
N PHE B 55 -15.06 -12.01 -1.10
CA PHE B 55 -15.97 -12.88 -0.35
C PHE B 55 -17.33 -12.25 -0.11
N ALA B 56 -17.64 -11.15 -0.78
CA ALA B 56 -18.95 -10.50 -0.69
C ALA B 56 -19.34 -10.23 0.75
N LEU B 57 -18.42 -9.63 1.49
CA LEU B 57 -18.67 -9.25 2.87
C LEU B 57 -19.39 -7.92 2.96
N ASP B 58 -20.38 -7.82 3.86
CA ASP B 58 -21.15 -6.60 4.02
C ASP B 58 -20.42 -5.57 4.85
N GLU B 59 -19.52 -6.01 5.73
CA GLU B 59 -18.81 -5.14 6.65
C GLU B 59 -17.54 -5.89 7.07
N VAL B 60 -16.50 -5.15 7.40
CA VAL B 60 -15.30 -5.72 8.02
C VAL B 60 -15.11 -5.02 9.35
N ILE B 61 -15.09 -5.81 10.43
CA ILE B 61 -14.88 -5.30 11.77
C ILE B 61 -13.42 -5.51 12.13
N PHE B 62 -12.68 -4.44 12.34
CA PHE B 62 -11.28 -4.55 12.75
C PHE B 62 -11.25 -4.77 14.25
N VAL B 63 -10.46 -5.74 14.69
CA VAL B 63 -10.35 -6.03 16.12
C VAL B 63 -8.87 -5.99 16.53
N PRO B 64 -8.39 -4.85 17.03
CA PRO B 64 -7.02 -4.79 17.54
C PRO B 64 -6.88 -5.73 18.73
N THR B 65 -5.77 -6.47 18.75
CA THR B 65 -5.51 -7.36 19.88
C THR B 65 -5.40 -6.56 21.18
N GLY B 66 -5.88 -7.16 22.27
CA GLY B 66 -5.72 -6.53 23.55
C GLY B 66 -4.34 -6.78 24.11
N GLN B 67 -4.01 -8.04 24.31
CA GLN B 67 -2.70 -8.43 24.83
C GLN B 67 -2.18 -9.49 23.88
N PRO B 68 -1.46 -9.10 22.83
CA PRO B 68 -0.91 -10.08 21.90
C PRO B 68 0.13 -10.95 22.57
N TRP B 69 0.38 -12.10 21.95
CA TRP B 69 1.33 -13.05 22.50
C TRP B 69 2.72 -12.43 22.54
N GLN B 70 3.44 -12.70 23.62
CA GLN B 70 4.74 -12.09 23.83
C GLN B 70 5.75 -12.63 22.82
N LYS B 71 6.55 -11.72 22.26
CA LYS B 71 7.64 -12.08 21.35
C LYS B 71 8.95 -11.55 21.90
N GLN B 72 10.04 -12.20 21.50
CA GLN B 72 11.37 -11.90 22.03
C GLN B 72 11.78 -10.44 21.78
N ARG B 74 10.46 -7.07 22.11
CA ARG B 74 9.31 -6.57 21.38
C ARG B 74 8.26 -6.00 22.33
N LYS B 75 8.22 -4.67 22.44
CA LYS B 75 7.33 -3.98 23.37
C LYS B 75 6.20 -3.33 22.57
N VAL B 76 5.02 -3.94 22.62
CA VAL B 76 3.88 -3.46 21.85
C VAL B 76 3.38 -2.13 22.42
N SER B 77 2.92 -1.26 21.55
CA SER B 77 2.33 0.01 21.97
C SER B 77 1.10 -0.25 22.83
N PRO B 78 0.79 0.63 23.78
CA PRO B 78 -0.44 0.47 24.57
C PRO B 78 -1.65 0.24 23.68
N ALA B 79 -2.54 -0.64 24.14
CA ALA B 79 -3.70 -1.02 23.34
C ALA B 79 -4.54 0.19 22.93
N GLU B 80 -4.68 1.19 23.82
CA GLU B 80 -5.50 2.34 23.49
C GLU B 80 -4.95 3.09 22.27
N HIS B 81 -3.61 3.20 22.15
CA HIS B 81 -3.03 3.83 20.97
C HIS B 81 -3.30 3.01 19.71
N ARG B 82 -3.14 1.70 19.77
CA ARG B 82 -3.40 0.89 18.59
C ARG B 82 -4.87 0.93 18.21
N TYR B 83 -5.76 0.99 19.20
CA TYR B 83 -7.18 1.16 18.92
C TYR B 83 -7.46 2.47 18.20
N LEU B 84 -6.95 3.59 18.72
CA LEU B 84 -7.20 4.88 18.07
C LEU B 84 -6.61 4.91 16.67
N MET B 85 -5.42 4.34 16.46
CA MET B 85 -4.85 4.36 15.11
C MET B 85 -5.75 3.60 14.14
N THR B 86 -6.28 2.46 14.58
CA THR B 86 -7.19 1.68 13.74
C THR B 86 -8.48 2.46 13.44
N VAL B 87 -9.02 3.17 14.43
CA VAL B 87 -10.19 4.02 14.18
C VAL B 87 -9.85 5.10 13.14
N ILE B 88 -8.71 5.77 13.31
CA ILE B 88 -8.32 6.84 12.40
C ILE B 88 -8.21 6.31 10.98
N ALA B 89 -7.61 5.13 10.85
CA ALA B 89 -7.34 4.55 9.53
C ALA B 89 -8.61 4.10 8.81
N THR B 90 -9.61 3.60 9.56
CA THR B 90 -10.81 3.02 9.00
C THR B 90 -11.99 3.99 8.94
N ALA B 91 -11.88 5.18 9.56
CA ALA B 91 -13.04 6.05 9.72
C ALA B 91 -13.73 6.34 8.40
N SER B 92 -12.96 6.61 7.34
CA SER B 92 -13.54 7.07 6.09
C SER B 92 -14.21 5.97 5.29
N ASN B 93 -14.07 4.70 5.66
CA ASN B 93 -14.69 3.61 4.92
C ASN B 93 -16.05 3.29 5.51
N PRO B 94 -17.14 3.49 4.77
CA PRO B 94 -18.48 3.18 5.32
C PRO B 94 -18.67 1.73 5.69
N ARG B 95 -17.86 0.82 5.16
CA ARG B 95 -18.00 -0.61 5.43
C ARG B 95 -16.96 -1.16 6.39
N PHE B 96 -16.16 -0.31 7.03
CA PHE B 96 -15.24 -0.76 8.07
C PHE B 96 -15.72 -0.20 9.41
N THR B 97 -15.61 -1.00 10.46
CA THR B 97 -15.78 -0.51 11.83
C THR B 97 -14.69 -1.12 12.70
N VAL B 98 -14.59 -0.64 13.95
CA VAL B 98 -13.56 -1.10 14.89
C VAL B 98 -14.23 -1.58 16.16
N SER B 99 -13.82 -2.74 16.66
CA SER B 99 -14.37 -3.31 17.89
C SER B 99 -13.33 -3.33 19.00
N ARG B 100 -13.78 -3.07 20.23
CA ARG B 100 -12.96 -3.17 21.43
C ARG B 100 -13.02 -4.54 22.09
N ALA B 101 -13.53 -5.56 21.39
CA ALA B 101 -13.80 -6.84 22.04
C ALA B 101 -12.54 -7.42 22.69
N ASP B 102 -11.40 -7.39 21.99
CA ASP B 102 -10.17 -7.96 22.54
C ASP B 102 -9.51 -7.02 23.55
N ILE B 103 -9.56 -5.72 23.27
CA ILE B 103 -8.94 -4.74 24.16
C ILE B 103 -9.64 -4.73 25.52
N ASP B 104 -10.96 -4.91 25.51
CA ASP B 104 -11.75 -4.98 26.74
C ASP B 104 -11.95 -6.43 27.23
N ARG B 105 -10.91 -7.24 27.16
CA ARG B 105 -10.93 -8.57 27.74
C ARG B 105 -9.57 -8.79 28.38
N GLY B 106 -9.56 -9.11 29.67
CA GLY B 106 -8.31 -9.31 30.35
C GLY B 106 -7.60 -10.57 29.88
N GLY B 107 -6.28 -10.58 30.09
CA GLY B 107 -5.47 -11.73 29.74
C GLY B 107 -5.06 -11.74 28.28
N ALA B 108 -4.28 -12.76 27.93
CA ALA B 108 -3.79 -12.90 26.56
C ALA B 108 -4.96 -13.05 25.59
N THR B 109 -4.81 -12.47 24.40
CA THR B 109 -5.88 -12.51 23.42
C THR B 109 -5.84 -13.84 22.68
N TYR B 110 -6.98 -14.53 22.64
CA TYR B 110 -7.14 -15.78 21.92
C TYR B 110 -8.32 -15.66 20.96
N THR B 111 -8.17 -16.24 19.76
CA THR B 111 -9.16 -16.01 18.71
C THR B 111 -10.50 -16.68 19.00
N VAL B 112 -10.52 -17.80 19.72
CA VAL B 112 -11.79 -18.37 20.14
C VAL B 112 -12.59 -17.36 20.95
N ASP B 113 -11.92 -16.59 21.81
CA ASP B 113 -12.62 -15.60 22.63
C ASP B 113 -13.07 -14.42 21.78
N THR B 114 -12.23 -13.98 20.83
CA THR B 114 -12.62 -12.95 19.88
C THR B 114 -13.91 -13.32 19.17
N LEU B 115 -13.96 -14.55 18.63
CA LEU B 115 -15.10 -14.97 17.83
C LEU B 115 -16.33 -15.26 18.68
N THR B 116 -16.14 -15.74 19.91
CA THR B 116 -17.29 -15.93 20.79
C THR B 116 -17.95 -14.59 21.11
N ASP B 117 -17.14 -13.55 21.36
CA ASP B 117 -17.70 -12.23 21.62
C ASP B 117 -18.40 -11.68 20.39
N LEU B 118 -17.82 -11.86 19.20
CA LEU B 118 -18.46 -11.31 18.00
CA LEU B 118 -18.43 -11.34 17.98
C LEU B 118 -19.71 -12.08 17.61
N ARG B 119 -19.72 -13.40 17.84
CA ARG B 119 -20.95 -14.17 17.64
C ARG B 119 -22.05 -13.67 18.56
N THR B 120 -21.71 -13.40 19.82
CA THR B 120 -22.66 -12.81 20.75
C THR B 120 -23.21 -11.49 20.23
N ALA B 121 -22.33 -10.64 19.69
CA ALA B 121 -22.74 -9.33 19.22
C ALA B 121 -23.46 -9.39 17.88
N HIS B 122 -23.27 -10.46 17.11
CA HIS B 122 -23.86 -10.60 15.77
C HIS B 122 -24.34 -12.04 15.62
N PRO B 123 -25.41 -12.41 16.32
CA PRO B 123 -25.78 -13.84 16.40
C PRO B 123 -26.25 -14.44 15.09
N ASP B 124 -26.75 -13.63 14.15
CA ASP B 124 -27.29 -14.15 12.90
C ASP B 124 -26.34 -14.01 11.72
N ALA B 125 -25.11 -13.56 11.97
CA ALA B 125 -24.17 -13.28 10.89
C ALA B 125 -23.25 -14.45 10.63
N ASP B 126 -22.80 -14.57 9.39
CA ASP B 126 -21.73 -15.48 9.02
C ASP B 126 -20.40 -14.75 9.16
N LEU B 127 -19.52 -15.29 10.00
CA LEU B 127 -18.26 -14.65 10.35
C LEU B 127 -17.11 -15.22 9.53
N TYR B 128 -16.26 -14.33 9.03
CA TYR B 128 -15.04 -14.67 8.31
C TYR B 128 -13.86 -14.01 9.01
N PHE B 129 -13.05 -14.79 9.73
CA PHE B 129 -11.90 -14.25 10.45
C PHE B 129 -10.72 -14.11 9.51
N ILE B 130 -10.17 -12.90 9.42
CA ILE B 130 -9.11 -12.55 8.47
C ILE B 130 -7.87 -12.18 9.25
N THR B 131 -6.75 -12.85 8.97
CA THR B 131 -5.50 -12.36 9.54
C THR B 131 -4.34 -12.88 8.69
N GLY B 132 -3.13 -12.49 9.08
CA GLY B 132 -1.94 -12.95 8.37
C GLY B 132 -1.80 -14.46 8.44
N ALA B 133 -1.28 -15.04 7.35
CA ALA B 133 -1.19 -16.49 7.27
C ALA B 133 -0.40 -17.09 8.43
N ASP B 134 0.67 -16.43 8.86
CA ASP B 134 1.49 -17.00 9.93
C ASP B 134 0.76 -16.99 11.27
N ALA B 135 -0.02 -15.94 11.54
CA ALA B 135 -0.82 -15.93 12.76
C ALA B 135 -1.90 -16.99 12.71
N LEU B 136 -2.51 -17.20 11.54
CA LEU B 136 -3.53 -18.24 11.41
C LEU B 136 -2.93 -19.63 11.65
N ALA B 137 -1.68 -19.85 11.22
CA ALA B 137 -1.01 -21.09 11.55
C ALA B 137 -0.87 -21.26 13.07
N SER B 138 -0.53 -20.18 13.77
CA SER B 138 -0.40 -20.25 15.22
C SER B 138 -1.75 -20.52 15.88
N ILE B 139 -2.80 -19.85 15.42
CA ILE B 139 -4.15 -20.09 15.96
C ILE B 139 -4.51 -21.57 15.86
N LEU B 140 -4.26 -22.17 14.71
CA LEU B 140 -4.67 -23.55 14.47
C LEU B 140 -3.84 -24.55 15.25
N SER B 141 -2.63 -24.21 15.67
CA SER B 141 -1.82 -25.13 16.45
C SER B 141 -2.13 -25.09 17.94
N TRP B 142 -2.77 -24.02 18.43
CA TRP B 142 -3.01 -23.87 19.86
C TRP B 142 -4.48 -23.95 20.26
N GLU B 143 -5.37 -23.39 19.45
CA GLU B 143 -6.75 -23.21 19.85
C GLU B 143 -7.62 -24.35 19.35
N ASN B 144 -8.75 -24.56 20.03
CA ASN B 144 -9.60 -25.72 19.78
C ASN B 144 -10.34 -25.57 18.45
N TRP B 145 -10.19 -26.58 17.58
CA TRP B 145 -10.77 -26.49 16.24
C TRP B 145 -12.28 -26.62 16.27
N GLU B 146 -12.82 -27.46 17.16
CA GLU B 146 -14.27 -27.62 17.26
C GLU B 146 -14.94 -26.27 17.51
N GLN B 147 -14.33 -25.44 18.36
CA GLN B 147 -14.87 -24.10 18.60
C GLN B 147 -14.58 -23.17 17.43
N LEU B 148 -13.35 -23.18 16.91
CA LEU B 148 -12.98 -22.23 15.85
C LEU B 148 -13.88 -22.36 14.63
N PHE B 149 -14.05 -23.58 14.13
CA PHE B 149 -14.78 -23.80 12.90
C PHE B 149 -16.28 -23.92 13.10
N THR B 150 -16.76 -23.94 14.35
CA THR B 150 -18.17 -23.72 14.60
C THR B 150 -18.50 -22.23 14.54
N LEU B 151 -17.56 -21.39 14.95
CA LEU B 151 -17.81 -19.95 15.03
C LEU B 151 -17.63 -19.23 13.69
N ALA B 152 -16.67 -19.64 12.88
CA ALA B 152 -16.31 -18.83 11.73
C ALA B 152 -15.65 -19.68 10.65
N LYS B 153 -15.55 -19.10 9.46
CA LYS B 153 -14.60 -19.53 8.44
C LYS B 153 -13.38 -18.61 8.52
N PHE B 154 -12.27 -19.07 7.93
CA PHE B 154 -11.01 -18.36 8.12
C PHE B 154 -10.38 -18.00 6.78
N ILE B 155 -9.80 -16.81 6.73
CA ILE B 155 -9.11 -16.31 5.54
C ILE B 155 -7.71 -15.87 5.96
N GLY B 156 -6.69 -16.50 5.40
CA GLY B 156 -5.32 -16.11 5.66
C GLY B 156 -4.77 -15.30 4.49
N VAL B 157 -4.25 -14.11 4.80
CA VAL B 157 -3.71 -13.23 3.77
C VAL B 157 -2.18 -13.20 3.89
N SER B 158 -1.51 -13.16 2.75
CA SER B 158 -0.05 -13.28 2.70
C SER B 158 0.51 -12.33 1.65
N ARG B 159 1.80 -11.99 1.79
CA ARG B 159 2.50 -11.09 0.91
C ARG B 159 3.21 -11.86 -0.19
N PRO B 160 3.63 -11.17 -1.27
CA PRO B 160 4.37 -11.85 -2.34
C PRO B 160 5.62 -12.53 -1.82
N GLY B 161 5.89 -13.72 -2.37
CA GLY B 161 7.08 -14.45 -2.03
C GLY B 161 7.01 -15.25 -0.74
N TYR B 162 6.03 -14.99 0.11
CA TYR B 162 5.80 -15.81 1.30
C TYR B 162 5.05 -17.07 0.87
N GLU B 163 5.74 -18.20 0.86
CA GLU B 163 5.19 -19.45 0.35
C GLU B 163 4.65 -20.27 1.53
N LEU B 164 3.34 -20.22 1.71
CA LEU B 164 2.65 -21.02 2.73
C LEU B 164 1.56 -21.83 2.06
N SER B 165 1.71 -23.16 2.10
CA SER B 165 0.70 -24.06 1.55
C SER B 165 -0.43 -24.26 2.57
N SER B 166 -1.64 -24.51 2.06
CA SER B 166 -2.73 -24.85 2.95
C SER B 166 -2.50 -26.19 3.64
N ASP B 167 -1.74 -27.10 3.00
CA ASP B 167 -1.32 -28.33 3.68
C ASP B 167 -0.49 -28.01 4.91
N HIS B 168 0.35 -26.99 4.84
CA HIS B 168 1.34 -26.71 5.88
C HIS B 168 0.84 -25.75 6.94
N ILE B 169 -0.27 -25.05 6.70
CA ILE B 169 -0.79 -24.11 7.68
C ILE B 169 -1.42 -24.84 8.86
N ALA B 170 -1.78 -26.10 8.69
CA ALA B 170 -2.32 -26.93 9.76
C ALA B 170 -1.67 -28.31 9.69
N HIS B 171 -1.69 -29.01 10.81
CA HIS B 171 -1.09 -30.33 10.92
C HIS B 171 -2.02 -31.45 10.47
N ALA B 172 -3.24 -31.13 10.04
CA ALA B 172 -4.21 -32.13 9.62
C ALA B 172 -5.19 -31.51 8.64
N GLU B 173 -6.06 -32.36 8.09
CA GLU B 173 -7.10 -31.89 7.19
C GLU B 173 -8.04 -30.95 7.90
N LEU B 174 -8.45 -29.89 7.21
CA LEU B 174 -9.31 -28.86 7.78
C LEU B 174 -10.76 -29.08 7.37
N PRO B 175 -11.71 -28.60 8.16
CA PRO B 175 -13.13 -28.72 7.80
C PRO B 175 -13.39 -28.14 6.43
N PRO B 176 -14.38 -28.68 5.70
CA PRO B 176 -14.64 -28.22 4.34
C PRO B 176 -14.98 -26.74 4.32
N ASP B 177 -14.35 -26.01 3.40
CA ASP B 177 -14.55 -24.57 3.21
C ASP B 177 -14.21 -23.76 4.47
N GLY B 178 -13.45 -24.36 5.40
CA GLY B 178 -13.11 -23.67 6.62
C GLY B 178 -11.99 -22.66 6.49
N LEU B 179 -11.13 -22.82 5.49
CA LEU B 179 -9.97 -21.94 5.36
C LEU B 179 -9.71 -21.62 3.89
N SER B 180 -9.51 -20.33 3.61
CA SER B 180 -9.07 -19.85 2.31
C SER B 180 -7.81 -19.02 2.48
N LEU B 181 -6.96 -19.02 1.45
CA LEU B 181 -5.72 -18.25 1.44
C LEU B 181 -5.75 -17.26 0.29
N VAL B 182 -5.40 -16.00 0.57
CA VAL B 182 -5.44 -14.91 -0.42
C VAL B 182 -4.12 -14.17 -0.38
N GLU B 183 -3.44 -14.10 -1.52
CA GLU B 183 -2.22 -13.31 -1.61
C GLU B 183 -2.59 -11.86 -1.91
N VAL B 184 -1.99 -10.94 -1.17
CA VAL B 184 -2.24 -9.50 -1.33
C VAL B 184 -0.91 -8.81 -1.58
N PRO B 185 -0.63 -8.36 -2.80
CA PRO B 185 0.65 -7.68 -3.06
C PRO B 185 0.99 -6.57 -2.08
N ALA B 186 0.01 -5.75 -1.68
CA ALA B 186 0.32 -4.65 -0.79
C ALA B 186 0.78 -5.09 0.59
N LEU B 187 0.61 -6.36 0.96
CA LEU B 187 1.15 -6.79 2.25
C LEU B 187 2.68 -6.93 2.24
N ALA B 188 3.35 -6.58 1.13
CA ALA B 188 4.79 -6.29 1.21
C ALA B 188 5.08 -5.23 2.27
N ILE B 189 4.12 -4.32 2.51
CA ILE B 189 4.23 -3.35 3.58
C ILE B 189 3.99 -4.07 4.90
N SER B 190 4.90 -3.91 5.87
CA SER B 190 4.79 -4.60 7.15
C SER B 190 4.82 -3.61 8.31
N SER B 191 4.13 -3.93 9.41
CA SER B 191 4.16 -3.02 10.55
C SER B 191 5.57 -2.94 11.14
N THR B 192 6.33 -4.04 11.09
CA THR B 192 7.68 -3.99 11.65
C THR B 192 8.55 -3.00 10.89
N ASP B 193 8.48 -3.01 9.55
CA ASP B 193 9.25 -2.04 8.77
CA ASP B 193 9.26 -2.04 8.77
C ASP B 193 8.83 -0.61 9.09
N CYS B 194 7.52 -0.39 9.27
CA CYS B 194 7.05 0.94 9.65
C CYS B 194 7.64 1.39 10.98
N ARG B 195 7.65 0.49 11.97
CA ARG B 195 8.21 0.85 13.27
C ARG B 195 9.70 1.13 13.18
N ILE B 196 10.44 0.32 12.42
CA ILE B 196 11.88 0.54 12.30
C ILE B 196 12.17 1.88 11.65
N ARG B 197 11.50 2.16 10.52
CA ARG B 197 11.66 3.45 9.84
C ARG B 197 11.34 4.61 10.77
N ALA B 198 10.20 4.55 11.47
CA ALA B 198 9.86 5.63 12.39
C ALA B 198 10.93 5.81 13.45
N GLY B 199 11.46 4.71 13.99
CA GLY B 199 12.57 4.80 14.92
C GLY B 199 13.82 5.42 14.32
N GLN B 200 14.02 5.25 13.01
CA GLN B 200 15.18 5.80 12.32
C GLN B 200 14.93 7.19 11.75
N ALA B 201 13.81 7.81 12.11
CA ALA B 201 13.41 9.13 11.57
C ALA B 201 13.33 9.12 10.06
N ARG B 202 12.94 8.02 9.49
CA ARG B 202 12.72 7.86 8.07
C ARG B 202 11.22 7.92 7.77
N PRO B 203 10.82 8.40 6.60
CA PRO B 203 9.40 8.68 6.37
C PRO B 203 8.58 7.41 6.27
N ILE B 204 7.36 7.47 6.82
CA ILE B 204 6.36 6.43 6.64
C ILE B 204 5.11 6.95 5.94
N TRP B 205 5.17 8.17 5.40
CA TRP B 205 4.12 8.63 4.50
C TRP B 205 3.86 7.60 3.40
N TYR B 206 2.57 7.41 3.09
CA TYR B 206 2.04 6.59 2.00
C TYR B 206 2.08 5.09 2.32
N LEU B 207 2.95 4.68 3.23
CA LEU B 207 2.91 3.31 3.78
C LEU B 207 1.75 3.17 4.75
N VAL B 208 1.47 4.25 5.47
CA VAL B 208 0.58 4.30 6.62
C VAL B 208 -0.38 5.45 6.33
N PRO B 209 -1.67 5.35 6.66
CA PRO B 209 -2.61 6.42 6.34
C PRO B 209 -2.18 7.77 6.92
N ASP B 210 -2.47 8.83 6.16
CA ASP B 210 -2.42 10.17 6.72
C ASP B 210 -3.23 10.18 8.02
N GLY B 211 -2.82 10.98 8.95
CA GLY B 211 -3.55 10.96 10.20
C GLY B 211 -2.93 9.97 11.13
N VAL B 212 -2.77 8.71 10.69
CA VAL B 212 -2.03 7.75 11.50
C VAL B 212 -0.56 8.15 11.57
N VAL B 213 0.02 8.57 10.44
CA VAL B 213 1.42 9.02 10.48
C VAL B 213 1.60 10.13 11.52
N GLN B 214 0.72 11.14 11.48
CA GLN B 214 0.82 12.26 12.42
CA GLN B 214 0.85 12.25 12.42
C GLN B 214 0.55 11.82 13.85
N TYR B 215 -0.38 10.88 14.04
CA TYR B 215 -0.66 10.38 15.37
C TYR B 215 0.55 9.69 15.97
N VAL B 216 1.23 8.87 15.16
CA VAL B 216 2.45 8.18 15.59
C VAL B 216 3.51 9.19 16.00
N ALA B 217 3.70 10.22 15.18
CA ALA B 217 4.77 11.19 15.43
C ALA B 217 4.49 11.99 16.69
N LYS B 218 3.26 12.47 16.87
CA LYS B 218 3.05 13.38 17.98
C LYS B 218 2.95 12.65 19.31
N HIS B 219 2.64 11.36 19.30
CA HIS B 219 2.69 10.55 20.51
C HIS B 219 4.00 9.77 20.62
N ARG B 220 4.94 9.98 19.70
CA ARG B 220 6.29 9.43 19.77
C ARG B 220 6.28 7.92 20.01
N LEU B 221 5.40 7.21 19.28
CA LEU B 221 5.17 5.79 19.59
C LEU B 221 6.40 4.94 19.36
N TYR B 222 7.21 5.25 18.33
CA TYR B 222 8.34 4.39 18.00
C TYR B 222 9.67 5.13 18.15
N SER B 223 9.66 6.28 18.82
CA SER B 223 10.88 7.01 19.13
C SER B 223 11.38 6.67 20.53
C10 9CG C . -15.67 3.43 0.27
C11 9CG C . -16.71 4.27 0.06
C02 9CG C . -15.28 7.58 1.10
C04 9CG C . -12.93 7.27 1.78
C05 9CG C . -13.07 5.80 1.51
C06 9CG C . -12.03 4.95 1.72
C07 9CG C . -12.16 3.58 1.45
C08 9CG C . -13.34 3.08 1.00
C09 9CG C . -14.43 3.91 0.76
C12 9CG C . -16.58 5.64 0.33
C13 9CG C . -15.39 6.14 0.80
C14 9CG C . -14.29 5.29 1.02
O01 9CG C . -16.24 8.27 1.29
O03 9CG C . -14.03 8.07 1.29
PA NAP D . 6.62 1.58 -18.30
O1A NAP D . 7.11 0.78 -19.45
O2A NAP D . 5.12 1.89 -18.39
O5B NAP D . 6.91 0.88 -16.88
C5B NAP D . 8.03 0.01 -16.69
C4B NAP D . 8.10 -0.31 -15.22
O4B NAP D . 8.52 0.87 -14.50
C3B NAP D . 6.77 -0.74 -14.59
O3B NAP D . 6.98 -1.76 -13.64
C2B NAP D . 6.28 0.53 -13.91
O2B NAP D . 5.38 0.26 -12.82
C1B NAP D . 7.60 1.14 -13.46
N9A NAP D . 7.55 2.59 -13.24
C8A NAP D . 7.39 3.57 -14.17
N7A NAP D . 7.59 4.78 -13.71
C5A NAP D . 7.90 4.57 -12.37
C6A NAP D . 8.29 5.44 -11.33
N6A NAP D . 8.50 6.75 -11.51
N1A NAP D . 8.52 4.91 -10.12
C2A NAP D . 8.38 3.58 -9.96
N3A NAP D . 8.06 2.66 -10.87
C4A NAP D . 7.84 3.23 -12.06
O3 NAP D . 7.43 2.95 -18.23
PN NAP D . 6.99 4.48 -18.24
O1N NAP D . 6.33 4.77 -16.93
O2N NAP D . 6.26 4.78 -19.48
O5D NAP D . 8.42 5.19 -18.29
C5D NAP D . 9.19 5.42 -17.11
C4D NAP D . 10.17 6.54 -17.39
O4D NAP D . 11.19 6.07 -18.31
C3D NAP D . 9.56 7.79 -18.02
O3D NAP D . 10.11 8.98 -17.46
C2D NAP D . 9.94 7.64 -19.49
O2D NAP D . 10.04 8.87 -20.21
C1D NAP D . 11.31 6.99 -19.37
N1N NAP D . 11.70 6.22 -20.63
C2N NAP D . 12.46 6.89 -21.51
C3N NAP D . 12.75 6.33 -22.75
C7N NAP D . 13.62 7.09 -23.71
O7N NAP D . 14.15 8.16 -23.36
N7N NAP D . 13.85 6.54 -24.90
C4N NAP D . 12.26 5.07 -23.04
C5N NAP D . 11.50 4.39 -22.11
C6N NAP D . 11.23 4.98 -20.90
P2B NAP D . 4.00 1.13 -12.75
O1X NAP D . 4.36 2.58 -12.92
O2X NAP D . 3.12 0.64 -13.91
O3X NAP D . 3.37 0.70 -11.42
C10 9CG E . 4.89 16.03 4.76
C11 9CG E . 4.34 17.00 5.52
C02 9CG E . 0.68 16.35 5.11
C04 9CG E . 0.33 14.42 3.66
C05 9CG E . 1.83 14.31 3.50
C06 9CG E . 2.36 13.34 2.73
C07 9CG E . 3.77 13.25 2.60
C08 9CG E . 4.59 14.10 3.25
C09 9CG E . 4.06 15.12 4.06
C12 9CG E . 2.94 17.11 5.65
C13 9CG E . 2.14 16.22 5.01
C14 9CG E . 2.67 15.22 4.19
O01 9CG E . 0.14 17.40 5.28
O03 9CG E . -0.04 15.23 4.81
PA NAP F . 1.75 -11.14 14.51
O1A NAP F . 2.56 -12.30 15.03
O2A NAP F . 2.20 -9.78 15.06
O5B NAP F . 1.75 -11.10 12.89
C5B NAP F . 2.06 -12.27 12.10
C4B NAP F . 1.98 -11.86 10.66
O4B NAP F . 0.61 -11.60 10.31
C3B NAP F . 2.76 -10.59 10.31
O3B NAP F . 3.37 -10.70 9.03
C2B NAP F . 1.68 -9.52 10.30
O2B NAP F . 2.04 -8.39 9.48
C1B NAP F . 0.50 -10.30 9.75
N9A NAP F . -0.81 -9.75 10.12
C8A NAP F . -1.35 -9.68 11.37
N7A NAP F . -2.60 -9.29 11.38
C5A NAP F . -2.90 -9.09 10.05
C6A NAP F . -4.09 -8.72 9.38
N6A NAP F . -5.26 -8.56 9.99
N1A NAP F . -4.04 -8.60 8.03
C2A NAP F . -2.88 -8.84 7.40
N3A NAP F . -1.70 -9.22 7.92
C4A NAP F . -1.79 -9.34 9.25
O3 NAP F . 0.23 -11.36 14.87
PN NAP F . -0.82 -10.40 15.58
O1N NAP F . -1.06 -9.27 14.65
O2N NAP F . -0.44 -10.13 16.98
O5D NAP F . -2.11 -11.33 15.57
C5D NAP F . -2.93 -11.54 14.39
C4D NAP F . -4.25 -12.08 14.84
O4D NAP F . -4.11 -13.47 15.25
C3D NAP F . -4.90 -11.37 16.03
O3D NAP F . -6.31 -11.35 15.87
C2D NAP F . -4.49 -12.25 17.21
O2D NAP F . -5.39 -12.15 18.31
C1D NAP F . -4.59 -13.62 16.57
N1N NAP F . -3.71 -14.66 17.28
C2N NAP F . -2.38 -14.53 17.15
C3N NAP F . -1.54 -15.49 17.69
C7N NAP F . -0.05 -15.29 17.68
O7N NAP F . 0.41 -14.21 17.32
N7N NAP F . 0.70 -16.27 18.14
C4N NAP F . -2.10 -16.57 18.34
C5N NAP F . -3.48 -16.66 18.48
C6N NAP F . -4.28 -15.68 17.95
P2B NAP F . 1.94 -6.92 10.13
O1X NAP F . 0.56 -6.79 10.70
O2X NAP F . 3.06 -6.83 11.19
O3X NAP F . 2.25 -6.02 8.90
#